data_3ET7
#
_entry.id   3ET7
#
_cell.length_a   106.824
_cell.length_b   106.824
_cell.length_c   75.185
_cell.angle_alpha   90.00
_cell.angle_beta   90.00
_cell.angle_gamma   90.00
#
_symmetry.space_group_name_H-M   'P 4 21 2'
#
loop_
_entity.id
_entity.type
_entity.pdbx_description
1 polymer 'Protein tyrosine kinase 2 beta'
2 non-polymer 5-{[4-{[2-(pyrrolidin-1-ylsulfonyl)benzyl]amino}-5-(trifluoromethyl)pyrimidin-2-yl]amino}-1,3-dihydro-2H-indol-2-one
3 non-polymer 'PHOSPHATE ION'
4 water water
#
_entity_poly.entity_id   1
_entity_poly.type   'polypeptide(L)'
_entity_poly.pdbx_seq_one_letter_code
;PQYGIAREDVVLNRILGEGFFGEVYEGVYTNHKGEKINVAVKTCKKDCTLDNKEKFMSEAVIMKNLDHPHIVKLIGIIEE
EPTWIIMELYPYGELGHYLERNKNSLKVLTLVLYSLQICKAMAYLESINCVHRDIAVRNILVASPECVKLGDFGLSRYIE
DEDYYKASVTRLPIKWMSPESINFRRFTTASDVWMFAVCMWEILSFGKQPFFWLENKDVIGVLEKGDRLPKPDLCPPVLY
TLMTRCWDYDPSDRPRFTELVCSLSDVYQMEKDIAME
;
_entity_poly.pdbx_strand_id   A
#
loop_
_chem_comp.id
_chem_comp.type
_chem_comp.name
_chem_comp.formula
349 non-polymer 5-{[4-{[2-(pyrrolidin-1-ylsulfonyl)benzyl]amino}-5-(trifluoromethyl)pyrimidin-2-yl]amino}-1,3-dihydro-2H-indol-2-one 'C24 H21 F3 N6 O3 S'
PO4 non-polymer 'PHOSPHATE ION' 'O4 P -3'
#
# COMPACT_ATOMS: atom_id res chain seq x y z
N GLY A 4 13.31 -20.87 8.44
CA GLY A 4 14.26 -20.13 7.55
C GLY A 4 14.85 -21.05 6.49
N ILE A 5 15.51 -20.43 5.49
CA ILE A 5 15.87 -21.10 4.21
C ILE A 5 17.19 -20.50 3.74
N ALA A 6 17.94 -21.18 2.84
CA ALA A 6 19.34 -20.77 2.55
C ALA A 6 19.69 -20.35 1.11
N ARG A 7 20.76 -19.57 0.99
CA ARG A 7 21.17 -18.99 -0.28
C ARG A 7 21.25 -19.97 -1.43
N GLU A 8 21.65 -21.21 -1.14
CA GLU A 8 21.55 -22.30 -2.11
C GLU A 8 20.17 -22.29 -2.85
N ASP A 9 19.07 -22.15 -2.08
CA ASP A 9 17.67 -22.24 -2.56
C ASP A 9 17.10 -21.12 -3.45
N VAL A 10 17.84 -20.00 -3.58
CA VAL A 10 17.31 -18.88 -4.35
C VAL A 10 18.10 -18.56 -5.55
N VAL A 11 17.59 -18.82 -6.72
CA VAL A 11 18.32 -18.40 -7.90
C VAL A 11 17.88 -16.97 -8.26
N LEU A 12 18.75 -16.10 -8.69
CA LEU A 12 18.26 -14.78 -9.07
C LEU A 12 18.39 -14.63 -10.57
N ASN A 13 17.53 -13.80 -11.18
CA ASN A 13 17.35 -13.78 -12.63
C ASN A 13 17.16 -12.45 -13.23
N ARG A 14 16.86 -11.40 -12.45
CA ARG A 14 16.93 -10.02 -12.98
C ARG A 14 16.66 -8.96 -11.93
N ILE A 15 17.03 -7.72 -12.22
CA ILE A 15 16.75 -6.71 -11.25
C ILE A 15 15.29 -6.30 -11.43
N LEU A 16 14.42 -6.52 -10.42
CA LEU A 16 13.06 -5.95 -10.43
C LEU A 16 12.94 -4.43 -10.49
N GLY A 17 13.54 -3.78 -9.49
CA GLY A 17 13.69 -2.34 -9.49
C GLY A 17 14.56 -1.84 -8.34
N GLU A 18 14.51 -0.54 -8.12
CA GLU A 18 15.34 0.07 -7.10
C GLU A 18 14.53 0.62 -5.94
N GLY A 19 14.43 -0.14 -4.85
CA GLY A 19 13.62 0.32 -3.71
C GLY A 19 14.19 1.55 -3.04
N PHE A 20 13.64 1.93 -1.90
CA PHE A 20 14.32 2.91 -1.07
C PHE A 20 15.65 2.29 -0.54
N PHE A 21 15.60 0.96 -0.44
CA PHE A 21 16.74 0.12 -0.05
C PHE A 21 17.41 -0.56 -1.25
N GLY A 22 17.13 -0.05 -2.43
CA GLY A 22 17.69 -0.61 -3.63
C GLY A 22 17.35 -2.08 -3.86
N GLU A 23 18.07 -2.62 -4.83
CA GLU A 23 17.55 -3.71 -5.63
C GLU A 23 16.52 -4.68 -4.97
N VAL A 24 15.44 -4.92 -5.72
CA VAL A 24 14.60 -6.09 -5.52
C VAL A 24 14.91 -6.84 -6.76
N TYR A 25 14.97 -8.15 -6.66
CA TYR A 25 15.31 -8.96 -7.80
C TYR A 25 14.25 -9.98 -7.93
N GLU A 26 13.80 -10.24 -9.17
CA GLU A 26 13.01 -11.43 -9.49
C GLU A 26 13.99 -12.58 -9.48
N GLY A 27 13.58 -13.75 -9.01
CA GLY A 27 14.33 -14.97 -8.94
C GLY A 27 13.39 -16.17 -8.65
N VAL A 28 13.93 -17.30 -8.19
CA VAL A 28 13.18 -18.53 -7.99
C VAL A 28 13.60 -19.26 -6.72
N TYR A 29 12.69 -19.34 -5.77
CA TYR A 29 12.93 -20.14 -4.60
C TYR A 29 12.78 -21.54 -5.09
N THR A 30 13.23 -22.52 -4.31
CA THR A 30 12.96 -23.94 -4.57
C THR A 30 12.82 -24.56 -3.21
N ASN A 31 11.60 -25.07 -2.93
CA ASN A 31 11.19 -25.75 -1.69
C ASN A 31 12.20 -26.68 -0.99
N HIS A 32 12.36 -26.53 0.32
CA HIS A 32 13.08 -27.47 1.21
C HIS A 32 12.52 -28.97 1.11
N LYS A 33 11.45 -29.15 0.30
CA LYS A 33 10.88 -30.48 -0.12
C LYS A 33 10.83 -30.72 -1.65
N GLY A 34 11.10 -29.72 -2.49
CA GLY A 34 11.15 -29.97 -3.91
C GLY A 34 10.72 -28.92 -4.90
N GLU A 35 9.71 -28.08 -4.57
CA GLU A 35 8.97 -27.21 -5.55
C GLU A 35 9.54 -25.81 -5.96
N LYS A 36 9.15 -25.32 -7.16
CA LYS A 36 9.59 -24.02 -7.74
C LYS A 36 8.58 -22.84 -7.60
N ILE A 37 8.71 -22.07 -6.52
CA ILE A 37 7.98 -20.82 -6.35
C ILE A 37 8.76 -19.68 -6.94
N ASN A 38 8.15 -18.95 -7.84
CA ASN A 38 8.68 -17.66 -8.35
C ASN A 38 8.68 -16.56 -7.27
N VAL A 39 9.70 -15.68 -7.25
CA VAL A 39 10.01 -14.91 -6.06
C VAL A 39 10.54 -13.47 -6.25
N ALA A 40 10.42 -12.63 -5.21
CA ALA A 40 10.97 -11.27 -5.27
C ALA A 40 11.89 -11.09 -4.02
N VAL A 41 13.10 -10.60 -4.24
CA VAL A 41 14.11 -10.65 -3.19
C VAL A 41 14.61 -9.28 -3.00
N LYS A 42 14.38 -8.79 -1.77
CA LYS A 42 14.67 -7.42 -1.39
C LYS A 42 15.98 -7.56 -0.70
N THR A 43 16.88 -6.66 -1.08
CA THR A 43 18.20 -6.47 -0.42
C THR A 43 18.47 -4.98 -0.13
N CYS A 44 19.57 -4.70 0.59
CA CYS A 44 19.91 -3.36 1.02
C CYS A 44 21.02 -2.63 0.21
N LYS A 45 20.62 -1.70 -0.67
CA LYS A 45 21.51 -0.67 -1.30
C LYS A 45 22.98 -1.08 -1.53
N LYS A 46 23.84 -0.07 -1.51
CA LYS A 46 25.18 -0.12 -0.88
C LYS A 46 24.97 0.89 0.29
N ASP A 47 24.83 0.35 1.53
CA ASP A 47 23.84 0.87 2.49
C ASP A 47 24.32 1.57 3.72
N CYS A 48 23.69 2.72 3.97
CA CYS A 48 24.14 3.64 5.02
C CYS A 48 24.34 2.92 6.34
N THR A 49 25.53 3.22 6.87
CA THR A 49 26.14 2.55 8.02
C THR A 49 25.02 1.79 8.78
N LEU A 50 24.26 2.48 9.62
CA LEU A 50 23.24 1.76 10.34
C LEU A 50 21.89 2.19 9.87
N ASP A 51 21.68 3.50 9.91
CA ASP A 51 20.38 4.05 9.65
C ASP A 51 19.60 3.16 8.61
N ASN A 52 20.31 2.56 7.67
CA ASN A 52 19.63 1.87 6.60
C ASN A 52 19.41 0.41 6.80
N LYS A 53 20.46 -0.31 7.10
CA LYS A 53 20.36 -1.69 7.50
C LYS A 53 19.32 -1.82 8.64
N GLU A 54 19.26 -0.81 9.51
CA GLU A 54 18.33 -0.92 10.60
C GLU A 54 16.90 -0.97 10.12
N LYS A 55 16.59 -0.08 9.19
CA LYS A 55 15.23 0.14 8.75
C LYS A 55 14.75 -1.06 7.96
N PHE A 56 15.73 -1.75 7.36
CA PHE A 56 15.59 -3.00 6.64
C PHE A 56 15.31 -4.23 7.50
N MET A 57 15.98 -4.33 8.62
CA MET A 57 15.80 -5.44 9.58
C MET A 57 14.50 -5.26 10.29
N SER A 58 14.22 -4.00 10.47
CA SER A 58 13.04 -3.61 11.07
C SER A 58 11.87 -3.98 10.17
N GLU A 59 11.93 -3.71 8.86
CA GLU A 59 10.81 -4.11 8.01
C GLU A 59 10.72 -5.64 7.97
N ALA A 60 11.85 -6.26 7.75
CA ALA A 60 12.04 -7.67 8.02
C ALA A 60 11.22 -8.27 9.16
N VAL A 61 11.45 -7.74 10.36
CA VAL A 61 11.02 -8.40 11.57
C VAL A 61 9.50 -8.31 11.78
N ILE A 62 8.94 -7.19 11.34
CA ILE A 62 7.51 -6.98 11.29
C ILE A 62 6.92 -7.95 10.32
N MET A 63 7.67 -8.28 9.29
CA MET A 63 7.12 -9.12 8.25
C MET A 63 6.89 -10.55 8.68
N LYS A 64 7.84 -11.14 9.42
CA LYS A 64 7.74 -12.52 10.02
C LYS A 64 6.36 -12.73 10.70
N ASN A 65 5.83 -11.66 11.27
CA ASN A 65 4.64 -11.66 12.11
C ASN A 65 3.32 -11.52 11.33
N LEU A 66 3.38 -10.64 10.31
CA LEU A 66 2.30 -10.38 9.37
C LEU A 66 1.80 -11.62 8.72
N ASP A 67 0.59 -11.48 8.21
CA ASP A 67 -0.16 -12.55 7.65
C ASP A 67 -1.54 -12.12 7.23
N HIS A 68 -1.75 -11.96 5.93
CA HIS A 68 -2.98 -11.47 5.56
C HIS A 68 -3.20 -11.50 4.05
N PRO A 69 -4.31 -12.05 3.53
CA PRO A 69 -4.50 -12.13 2.06
C PRO A 69 -4.27 -10.82 1.36
N HIS A 70 -4.29 -9.67 1.98
CA HIS A 70 -4.05 -8.53 1.11
C HIS A 70 -2.82 -7.71 1.41
N ILE A 71 -1.89 -8.32 2.16
CA ILE A 71 -0.54 -7.76 2.20
C ILE A 71 0.33 -8.71 1.53
N VAL A 72 1.43 -8.22 0.98
CA VAL A 72 2.46 -9.00 0.32
C VAL A 72 2.85 -10.13 1.23
N LYS A 73 2.90 -11.30 0.64
CA LYS A 73 3.21 -12.58 1.31
C LYS A 73 4.74 -12.75 1.63
N LEU A 74 5.13 -12.98 2.86
CA LEU A 74 6.54 -13.18 3.05
C LEU A 74 6.86 -14.64 3.11
N ILE A 75 7.62 -15.14 2.13
CA ILE A 75 8.10 -16.53 2.11
C ILE A 75 9.28 -16.88 3.05
N GLY A 76 10.27 -15.99 3.26
CA GLY A 76 11.35 -16.34 4.18
C GLY A 76 12.46 -15.33 4.16
N ILE A 77 13.42 -15.49 5.05
CA ILE A 77 14.55 -14.59 5.12
C ILE A 77 15.85 -15.39 5.16
N ILE A 78 16.92 -14.80 4.60
CA ILE A 78 18.27 -15.32 4.80
C ILE A 78 19.07 -14.25 5.52
N GLU A 79 19.25 -14.46 6.83
CA GLU A 79 20.20 -13.67 7.62
C GLU A 79 21.65 -14.06 7.26
N GLU A 80 22.41 -13.06 6.83
CA GLU A 80 23.86 -13.12 6.69
C GLU A 80 24.27 -11.85 6.03
N GLU A 81 25.39 -11.85 5.31
CA GLU A 81 25.74 -10.71 4.45
C GLU A 81 24.98 -10.94 3.18
N PRO A 82 24.70 -9.88 2.41
CA PRO A 82 23.34 -9.60 2.00
C PRO A 82 22.39 -10.57 2.68
N THR A 83 21.82 -10.08 3.76
CA THR A 83 20.51 -10.53 4.21
C THR A 83 19.47 -10.34 3.09
N TRP A 84 18.56 -11.29 2.98
CA TRP A 84 17.70 -11.39 1.83
C TRP A 84 16.32 -11.64 2.41
N ILE A 85 15.41 -10.74 2.04
CA ILE A 85 13.97 -10.89 2.31
C ILE A 85 13.36 -11.49 1.07
N ILE A 86 12.73 -12.62 1.22
CA ILE A 86 12.04 -13.28 0.14
C ILE A 86 10.47 -13.29 0.28
N MET A 87 9.87 -12.82 -0.79
CA MET A 87 8.46 -12.52 -0.89
C MET A 87 8.02 -13.10 -2.18
N GLU A 88 6.81 -13.66 -2.18
CA GLU A 88 6.16 -14.13 -3.38
C GLU A 88 6.25 -13.07 -4.45
N LEU A 89 6.44 -13.49 -5.70
CA LEU A 89 6.33 -12.55 -6.82
C LEU A 89 4.83 -12.28 -7.23
N TYR A 90 4.53 -11.05 -7.67
CA TYR A 90 3.19 -10.71 -8.18
C TYR A 90 3.35 -10.17 -9.56
N PRO A 91 3.09 -11.06 -10.49
CA PRO A 91 3.65 -10.87 -11.84
C PRO A 91 3.07 -9.64 -12.55
N TYR A 92 2.04 -8.98 -11.99
CA TYR A 92 1.38 -7.83 -12.67
C TYR A 92 1.91 -6.44 -12.25
N GLY A 93 2.72 -6.39 -11.17
CA GLY A 93 3.26 -5.10 -10.68
C GLY A 93 2.39 -4.01 -10.00
N GLU A 94 2.91 -2.81 -9.98
CA GLU A 94 2.33 -1.73 -9.25
C GLU A 94 0.91 -1.56 -9.77
N LEU A 95 -0.07 -1.45 -8.88
CA LEU A 95 -1.40 -1.08 -9.26
C LEU A 95 -1.48 0.27 -9.91
N GLY A 96 -0.54 1.15 -9.74
CA GLY A 96 -0.69 2.46 -10.39
C GLY A 96 -0.77 2.18 -11.89
N HIS A 97 0.19 1.39 -12.39
CA HIS A 97 0.33 1.10 -13.79
C HIS A 97 -0.77 0.10 -14.18
N TYR A 98 -1.15 -0.87 -13.37
CA TYR A 98 -2.15 -1.78 -13.86
C TYR A 98 -3.55 -1.11 -13.80
N LEU A 99 -3.79 -0.10 -14.64
CA LEU A 99 -4.69 0.91 -14.20
C LEU A 99 -4.56 2.09 -15.10
N GLU A 100 -3.37 2.66 -15.25
CA GLU A 100 -3.20 3.54 -16.41
C GLU A 100 -3.48 2.67 -17.68
N ARG A 101 -2.81 1.51 -17.79
CA ARG A 101 -3.09 0.51 -18.84
C ARG A 101 -4.32 -0.40 -18.62
N ASN A 102 -5.44 0.14 -18.12
CA ASN A 102 -6.71 -0.63 -18.15
C ASN A 102 -7.89 0.28 -17.89
N LYS A 103 -7.68 1.54 -18.17
CA LYS A 103 -8.72 2.55 -17.99
C LYS A 103 -10.13 2.07 -18.35
N ASN A 104 -10.18 0.97 -19.10
CA ASN A 104 -11.30 0.60 -19.98
C ASN A 104 -11.80 -0.76 -19.59
N SER A 105 -10.91 -1.75 -19.65
CA SER A 105 -11.26 -3.04 -19.03
C SER A 105 -12.08 -2.92 -17.67
N LEU A 106 -11.70 -2.02 -16.73
CA LEU A 106 -12.26 -2.06 -15.32
C LEU A 106 -13.59 -1.38 -14.91
N LYS A 107 -14.42 -2.17 -14.23
CA LYS A 107 -15.74 -1.67 -13.71
C LYS A 107 -15.76 -1.21 -12.23
N VAL A 108 -15.97 0.07 -11.96
CA VAL A 108 -16.10 0.49 -10.56
C VAL A 108 -16.31 -0.70 -9.61
N LEU A 109 -17.20 -1.62 -9.90
CA LEU A 109 -17.31 -2.76 -8.93
C LEU A 109 -15.90 -3.40 -8.56
N THR A 110 -14.92 -3.06 -9.40
CA THR A 110 -13.58 -3.59 -9.29
C THR A 110 -12.73 -2.57 -8.46
N LEU A 111 -12.50 -1.38 -9.00
CA LEU A 111 -12.06 -0.23 -8.25
C LEU A 111 -12.52 -0.07 -6.74
N VAL A 112 -13.43 -0.90 -6.20
CA VAL A 112 -14.04 -0.66 -4.91
C VAL A 112 -13.82 -1.97 -4.25
N LEU A 113 -13.79 -3.05 -4.98
CA LEU A 113 -13.16 -4.21 -4.33
C LEU A 113 -11.61 -3.92 -3.99
N TYR A 114 -10.86 -3.18 -4.86
CA TYR A 114 -9.46 -2.96 -4.53
C TYR A 114 -9.36 -2.25 -3.13
N SER A 115 -9.87 -1.00 -3.13
CA SER A 115 -10.08 -0.20 -1.90
C SER A 115 -10.72 -0.98 -0.83
N LEU A 116 -11.65 -1.82 -1.19
CA LEU A 116 -12.13 -2.61 -0.06
C LEU A 116 -11.01 -3.33 0.53
N GLN A 117 -10.21 -3.99 -0.29
CA GLN A 117 -9.31 -5.05 0.27
C GLN A 117 -8.11 -4.46 1.01
N ILE A 118 -7.61 -3.38 0.47
CA ILE A 118 -6.63 -2.60 1.19
C ILE A 118 -7.10 -2.17 2.64
N CYS A 119 -8.23 -1.46 2.68
CA CYS A 119 -8.92 -1.30 3.92
C CYS A 119 -8.93 -2.54 4.74
N LYS A 120 -9.26 -3.68 4.21
CA LYS A 120 -9.21 -4.76 5.23
C LYS A 120 -7.77 -4.94 5.68
N ALA A 121 -6.81 -4.61 4.80
CA ALA A 121 -5.44 -4.86 5.12
C ALA A 121 -5.10 -3.94 6.30
N MET A 122 -5.48 -2.67 6.17
CA MET A 122 -5.41 -1.71 7.27
C MET A 122 -6.05 -2.10 8.59
N ALA A 123 -7.27 -2.67 8.54
CA ALA A 123 -7.91 -3.10 9.79
C ALA A 123 -7.08 -4.14 10.53
N TYR A 124 -6.45 -5.06 9.80
CA TYR A 124 -5.61 -6.03 10.47
C TYR A 124 -4.36 -5.32 11.05
N LEU A 125 -3.81 -4.37 10.29
CA LEU A 125 -2.61 -3.69 10.73
C LEU A 125 -2.89 -2.89 12.03
N GLU A 126 -4.04 -2.21 12.07
CA GLU A 126 -4.47 -1.55 13.26
C GLU A 126 -4.42 -2.53 14.41
N SER A 127 -4.95 -3.74 14.25
CA SER A 127 -5.08 -4.57 15.40
C SER A 127 -3.77 -5.19 15.89
N ILE A 128 -2.75 -5.15 15.05
CA ILE A 128 -1.47 -5.68 15.52
C ILE A 128 -0.60 -4.44 15.80
N ASN A 129 -1.27 -3.29 15.98
CA ASN A 129 -0.68 -1.93 15.99
C ASN A 129 0.50 -1.68 15.12
N CYS A 130 0.27 -1.74 13.81
CA CYS A 130 1.27 -1.38 12.88
C CYS A 130 0.67 -0.33 12.13
N VAL A 131 1.51 0.47 11.54
CA VAL A 131 1.02 1.41 10.64
C VAL A 131 1.65 1.19 9.30
N HIS A 132 1.10 1.89 8.33
CA HIS A 132 1.67 1.87 7.05
C HIS A 132 1.83 3.21 6.55
N ARG A 133 3.00 3.58 6.14
CA ARG A 133 3.24 4.98 5.72
C ARG A 133 3.24 5.20 4.21
N ASP A 134 3.22 4.11 3.46
CA ASP A 134 3.06 4.20 2.04
C ASP A 134 1.85 3.38 1.41
N ILE A 135 0.62 3.92 1.62
CA ILE A 135 -0.64 3.31 1.11
C ILE A 135 -0.85 4.19 -0.10
N ALA A 136 -0.29 3.77 -1.23
CA ALA A 136 -0.24 4.59 -2.45
C ALA A 136 -0.19 3.60 -3.57
N VAL A 137 -0.51 4.01 -4.79
CA VAL A 137 -0.90 2.92 -5.66
C VAL A 137 0.29 2.18 -6.41
N ARG A 138 1.38 2.94 -6.65
CA ARG A 138 2.76 2.53 -6.82
C ARG A 138 3.27 1.63 -5.74
N ASN A 139 2.76 1.70 -4.52
CA ASN A 139 3.30 0.84 -3.52
C ASN A 139 2.39 -0.27 -3.22
N ILE A 140 1.49 -0.64 -4.17
CA ILE A 140 0.56 -1.79 -4.06
C ILE A 140 0.70 -2.78 -5.22
N LEU A 141 0.69 -4.05 -4.94
CA LEU A 141 0.83 -4.99 -6.01
C LEU A 141 -0.49 -5.69 -6.41
N VAL A 142 -0.70 -5.90 -7.72
CA VAL A 142 -1.76 -6.78 -8.18
C VAL A 142 -1.34 -8.26 -8.16
N ALA A 143 -1.98 -9.14 -7.41
CA ALA A 143 -1.70 -10.58 -7.60
C ALA A 143 -2.47 -11.23 -8.75
N SER A 144 -3.61 -10.64 -9.09
CA SER A 144 -4.60 -11.26 -10.02
C SER A 144 -5.47 -10.11 -10.27
N PRO A 145 -6.20 -10.01 -11.35
CA PRO A 145 -7.11 -8.85 -11.50
C PRO A 145 -8.11 -8.74 -10.33
N GLU A 146 -8.41 -9.88 -9.69
CA GLU A 146 -9.40 -9.93 -8.63
C GLU A 146 -8.73 -9.79 -7.27
N CYS A 147 -7.58 -9.08 -7.16
CA CYS A 147 -6.87 -9.15 -5.90
C CYS A 147 -5.62 -8.39 -5.78
N VAL A 148 -5.62 -7.29 -5.00
CA VAL A 148 -4.42 -6.51 -4.74
C VAL A 148 -3.74 -6.82 -3.40
N LYS A 149 -2.43 -6.58 -3.24
CA LYS A 149 -1.71 -6.74 -1.92
C LYS A 149 -0.90 -5.53 -1.61
N LEU A 150 -1.17 -4.97 -0.44
CA LEU A 150 -0.39 -3.82 0.03
C LEU A 150 1.11 -4.11 0.16
N GLY A 151 1.85 -3.16 -0.41
CA GLY A 151 3.20 -2.76 -0.04
C GLY A 151 3.99 -3.57 0.95
N ASP A 152 4.20 -3.17 2.20
CA ASP A 152 5.48 -3.70 2.85
C ASP A 152 6.59 -2.74 2.51
N PHE A 153 6.74 -1.72 3.24
CA PHE A 153 7.69 -0.72 2.77
C PHE A 153 6.74 0.29 3.12
N GLY A 154 7.09 1.09 4.13
CA GLY A 154 6.14 1.97 4.78
C GLY A 154 5.62 1.29 6.02
N LEU A 155 5.66 -0.05 6.03
CA LEU A 155 5.34 -0.83 7.23
C LEU A 155 6.10 -0.41 8.47
N SER A 156 5.43 -0.11 9.57
CA SER A 156 6.20 0.31 10.74
C SER A 156 5.53 0.15 12.09
N ARG A 157 6.34 0.37 13.15
CA ARG A 157 5.96 0.66 14.54
C ARG A 157 5.42 -0.59 15.20
N THR A 170 13.20 13.27 4.82
CA THR A 170 13.48 12.57 3.55
C THR A 170 12.37 12.82 2.44
N ARG A 171 12.33 11.96 1.41
CA ARG A 171 11.18 11.80 0.53
C ARG A 171 9.93 11.47 1.40
N LEU A 172 8.93 12.35 1.38
CA LEU A 172 7.74 12.21 2.24
C LEU A 172 6.49 12.44 1.42
N PRO A 173 5.66 11.41 1.23
CA PRO A 173 4.42 11.56 0.48
C PRO A 173 3.56 12.61 1.12
N ILE A 174 3.95 13.87 1.07
CA ILE A 174 3.14 14.90 1.63
C ILE A 174 1.71 14.89 1.04
N LYS A 175 1.67 14.65 -0.30
CA LYS A 175 0.51 14.88 -1.15
C LYS A 175 -0.48 13.96 -0.55
N TRP A 176 0.05 12.95 0.15
CA TRP A 176 -0.81 11.92 0.71
C TRP A 176 -1.05 12.01 2.22
N MET A 177 -0.44 12.97 2.89
CA MET A 177 -0.41 12.99 4.37
C MET A 177 -1.42 13.83 5.13
N SER A 178 -2.05 13.27 6.16
CA SER A 178 -2.99 14.11 6.94
C SER A 178 -2.31 15.38 7.54
N PRO A 179 -3.00 16.48 7.77
CA PRO A 179 -2.27 17.70 8.18
C PRO A 179 -1.37 17.47 9.40
N GLU A 180 -1.91 16.97 10.53
CA GLU A 180 -1.06 16.51 11.65
C GLU A 180 0.13 15.73 11.21
N SER A 181 -0.02 14.78 10.31
CA SER A 181 1.16 14.00 9.97
C SER A 181 2.31 14.89 9.52
N ILE A 182 1.91 16.09 9.05
CA ILE A 182 2.77 17.07 8.35
C ILE A 182 3.36 18.16 9.28
N ASN A 183 2.47 18.84 10.01
CA ASN A 183 2.78 19.76 11.10
C ASN A 183 3.61 19.14 12.25
N PHE A 184 3.23 17.95 12.76
CA PHE A 184 3.95 17.26 13.83
C PHE A 184 4.65 15.90 13.57
N ARG A 185 4.87 15.48 12.33
CA ARG A 185 5.36 14.11 12.01
C ARG A 185 4.81 12.90 12.84
N ARG A 186 3.57 13.05 13.32
CA ARG A 186 2.78 11.99 13.96
C ARG A 186 2.06 11.15 12.88
N PHE A 187 2.44 9.89 12.68
CA PHE A 187 1.58 8.96 11.98
C PHE A 187 0.85 8.04 12.93
N THR A 188 -0.35 8.44 13.36
CA THR A 188 -1.22 7.48 14.03
C THR A 188 -2.08 6.85 13.04
N THR A 189 -2.98 6.04 13.56
CA THR A 189 -3.98 5.29 12.79
C THR A 189 -4.99 6.19 12.07
N ALA A 190 -5.33 7.27 12.72
CA ALA A 190 -6.19 8.28 12.16
C ALA A 190 -5.53 9.02 10.95
N SER A 191 -4.22 8.96 10.82
CA SER A 191 -3.70 9.81 9.81
C SER A 191 -3.55 8.81 8.67
N ASP A 192 -3.23 7.58 9.03
CA ASP A 192 -3.58 6.43 8.18
C ASP A 192 -4.96 6.38 7.52
N VAL A 193 -5.98 6.94 8.16
CA VAL A 193 -7.30 6.69 7.61
C VAL A 193 -7.37 7.74 6.56
N TRP A 194 -6.80 8.89 6.86
CA TRP A 194 -6.80 9.98 5.89
C TRP A 194 -6.08 9.50 4.65
N MET A 195 -4.78 9.20 4.80
CA MET A 195 -3.97 8.55 3.77
C MET A 195 -4.68 7.49 2.99
N PHE A 196 -5.45 6.65 3.62
CA PHE A 196 -5.98 5.55 2.89
C PHE A 196 -7.02 6.06 1.94
N ALA A 197 -7.79 7.05 2.35
CA ALA A 197 -8.75 7.64 1.52
C ALA A 197 -7.99 8.23 0.43
N VAL A 198 -6.96 9.04 0.64
CA VAL A 198 -6.19 9.44 -0.56
C VAL A 198 -5.80 8.25 -1.53
N CYS A 199 -5.70 7.02 -1.05
CA CYS A 199 -5.31 6.01 -1.97
C CYS A 199 -6.61 5.63 -2.74
N MET A 200 -7.78 5.78 -2.10
CA MET A 200 -9.06 5.34 -2.66
C MET A 200 -9.31 6.29 -3.77
N TRP A 201 -9.00 7.52 -3.54
CA TRP A 201 -9.15 8.44 -4.57
C TRP A 201 -8.35 7.98 -5.77
N GLU A 202 -7.19 7.36 -5.53
CA GLU A 202 -6.22 7.15 -6.59
C GLU A 202 -6.81 6.06 -7.42
N ILE A 203 -7.36 5.08 -6.78
CA ILE A 203 -7.73 3.93 -7.48
C ILE A 203 -8.94 4.34 -8.39
N LEU A 204 -9.97 4.99 -7.84
CA LEU A 204 -11.11 5.39 -8.63
C LEU A 204 -10.68 6.61 -9.44
N SER A 205 -9.44 7.04 -9.34
CA SER A 205 -9.00 7.90 -10.43
C SER A 205 -8.05 7.21 -11.40
N PHE A 206 -8.06 5.85 -11.43
CA PHE A 206 -7.18 5.18 -12.39
C PHE A 206 -5.73 5.80 -12.33
N GLY A 207 -5.19 5.99 -11.10
CA GLY A 207 -3.77 6.15 -10.94
C GLY A 207 -3.35 7.56 -11.05
N LYS A 208 -4.29 8.48 -11.05
CA LYS A 208 -3.95 9.92 -11.03
C LYS A 208 -3.15 10.46 -9.78
N GLN A 209 -2.05 11.14 -9.99
CA GLN A 209 -1.40 11.85 -8.93
C GLN A 209 -2.26 12.84 -8.10
N PRO A 210 -2.54 12.56 -6.81
CA PRO A 210 -3.24 13.54 -5.96
C PRO A 210 -2.60 14.89 -6.11
N PHE A 211 -3.33 15.99 -6.02
CA PHE A 211 -2.70 17.33 -6.09
C PHE A 211 -1.55 17.47 -7.11
N PHE A 212 -1.72 16.90 -8.29
CA PHE A 212 -0.63 17.03 -9.28
C PHE A 212 -0.22 18.50 -9.53
N TRP A 213 -1.17 19.41 -9.39
CA TRP A 213 -0.87 20.80 -9.62
C TRP A 213 -0.05 21.61 -8.61
N LEU A 214 -0.19 21.30 -7.32
CA LEU A 214 0.62 21.96 -6.30
C LEU A 214 1.92 21.17 -6.22
N GLU A 215 3.01 21.83 -5.83
CA GLU A 215 4.08 21.08 -5.12
C GLU A 215 4.07 21.29 -3.57
N ASN A 216 4.74 20.39 -2.89
CA ASN A 216 4.49 20.09 -1.51
C ASN A 216 4.29 21.35 -0.62
N LYS A 217 5.35 22.14 -0.41
CA LYS A 217 5.29 23.43 0.30
C LYS A 217 3.89 24.12 0.54
N ASP A 218 2.95 24.07 -0.41
CA ASP A 218 1.68 24.80 -0.15
C ASP A 218 0.47 23.91 -0.19
N VAL A 219 0.69 22.63 0.13
CA VAL A 219 -0.42 21.70 0.40
C VAL A 219 -1.23 22.09 1.63
N ILE A 220 -0.53 22.29 2.76
CA ILE A 220 -1.18 22.41 4.08
C ILE A 220 -2.19 23.51 4.01
N GLY A 221 -1.73 24.65 3.45
CA GLY A 221 -2.56 25.82 3.23
C GLY A 221 -3.88 25.36 2.69
N VAL A 222 -3.79 24.55 1.68
CA VAL A 222 -4.96 24.16 0.92
C VAL A 222 -6.02 23.55 1.81
N LEU A 223 -5.60 22.48 2.49
CA LEU A 223 -6.48 21.74 3.38
C LEU A 223 -7.00 22.64 4.52
N GLU A 224 -6.25 23.70 4.84
CA GLU A 224 -6.64 24.68 5.88
C GLU A 224 -7.87 25.49 5.53
N LYS A 225 -7.83 26.29 4.46
CA LYS A 225 -9.03 26.99 3.94
C LYS A 225 -10.16 25.98 3.69
N GLY A 226 -9.79 24.70 3.56
CA GLY A 226 -10.75 23.60 3.63
C GLY A 226 -10.85 22.82 2.37
N ASP A 227 -9.75 22.75 1.63
CA ASP A 227 -9.79 22.25 0.23
C ASP A 227 -9.59 20.72 0.02
N ARG A 228 -10.55 20.08 -0.62
CA ARG A 228 -10.44 18.64 -0.89
C ARG A 228 -10.20 18.21 -2.34
N LEU A 229 -9.69 17.00 -2.49
CA LEU A 229 -9.50 16.37 -3.76
C LEU A 229 -10.80 16.19 -4.52
N PRO A 230 -10.80 16.62 -5.80
CA PRO A 230 -11.88 16.38 -6.76
C PRO A 230 -12.64 15.11 -6.59
N LYS A 231 -13.97 15.12 -6.62
CA LYS A 231 -14.66 13.81 -6.76
C LYS A 231 -14.20 13.06 -8.06
N PRO A 232 -13.98 11.77 -7.89
CA PRO A 232 -13.66 10.92 -9.04
C PRO A 232 -14.94 10.50 -9.75
N ASP A 233 -14.82 10.59 -11.09
CA ASP A 233 -15.90 10.37 -12.04
C ASP A 233 -16.57 9.07 -11.80
N LEU A 234 -15.78 8.02 -11.79
CA LEU A 234 -16.37 6.69 -11.60
C LEU A 234 -16.91 6.42 -10.18
N CYS A 235 -16.82 7.42 -9.30
CA CYS A 235 -17.06 7.19 -7.87
C CYS A 235 -18.35 7.80 -7.51
N PRO A 236 -19.27 6.95 -7.05
CA PRO A 236 -20.52 7.32 -6.37
C PRO A 236 -20.56 8.66 -5.60
N PRO A 237 -21.80 9.05 -5.18
CA PRO A 237 -21.96 10.00 -4.09
C PRO A 237 -21.60 9.43 -2.72
N VAL A 238 -22.01 8.22 -2.28
CA VAL A 238 -21.85 7.87 -0.85
C VAL A 238 -20.40 7.77 -0.49
N LEU A 239 -19.81 6.77 -1.12
CA LEU A 239 -18.41 6.62 -1.31
C LEU A 239 -17.62 7.92 -1.36
N TYR A 240 -17.85 8.90 -2.23
CA TYR A 240 -17.10 10.13 -2.08
C TYR A 240 -17.33 10.91 -0.75
N THR A 241 -18.32 10.50 0.02
CA THR A 241 -18.61 11.30 1.19
C THR A 241 -17.93 10.58 2.31
N LEU A 242 -18.00 9.28 2.20
CA LEU A 242 -17.18 8.41 3.02
C LEU A 242 -15.70 8.76 2.93
N MET A 243 -15.21 9.35 1.81
CA MET A 243 -13.78 9.71 1.72
C MET A 243 -13.70 11.04 2.35
N THR A 244 -14.81 11.70 2.39
CA THR A 244 -14.72 13.09 2.73
C THR A 244 -14.58 13.20 4.20
N ARG A 245 -15.16 12.22 4.89
CA ARG A 245 -15.04 12.08 6.31
C ARG A 245 -13.67 11.70 6.80
N CYS A 246 -13.08 10.69 6.16
CA CYS A 246 -11.62 10.44 6.22
C CYS A 246 -10.72 11.63 5.99
N TRP A 247 -11.18 12.71 5.34
CA TRP A 247 -10.38 13.93 5.33
C TRP A 247 -10.90 15.06 6.25
N ASP A 248 -11.90 14.76 7.06
CA ASP A 248 -12.19 15.58 8.25
C ASP A 248 -10.91 16.08 8.89
N TYR A 249 -10.75 17.40 8.90
CA TYR A 249 -9.59 18.08 9.50
C TYR A 249 -9.22 17.65 10.93
N ASP A 250 -10.28 17.53 11.73
CA ASP A 250 -10.34 16.93 13.08
C ASP A 250 -10.21 15.41 13.08
N PRO A 251 -9.04 14.85 13.48
CA PRO A 251 -8.88 13.38 13.50
C PRO A 251 -10.08 12.59 14.03
N SER A 252 -10.78 13.18 15.00
CA SER A 252 -11.76 12.43 15.78
C SER A 252 -13.02 12.29 15.00
N ASP A 253 -13.25 13.06 13.97
CA ASP A 253 -14.43 12.71 13.22
C ASP A 253 -14.21 11.63 12.12
N ARG A 254 -12.94 11.34 11.78
CA ARG A 254 -12.56 10.32 10.82
C ARG A 254 -13.05 8.97 11.18
N PRO A 255 -13.60 8.21 10.24
CA PRO A 255 -14.02 6.85 10.57
C PRO A 255 -12.81 6.02 10.94
N ARG A 256 -12.87 5.15 11.92
CA ARG A 256 -11.93 4.07 12.16
C ARG A 256 -11.94 2.94 11.10
N PHE A 257 -10.89 2.13 11.10
CA PHE A 257 -10.77 1.14 10.09
C PHE A 257 -11.97 0.18 10.07
N THR A 258 -12.20 -0.65 11.10
CA THR A 258 -13.37 -1.48 11.20
C THR A 258 -14.65 -0.72 10.65
N GLU A 259 -14.88 0.51 11.05
CA GLU A 259 -15.92 1.24 10.38
C GLU A 259 -15.89 1.26 8.84
N LEU A 260 -14.70 1.35 8.28
CA LEU A 260 -14.56 1.51 6.80
C LEU A 260 -14.72 0.11 6.13
N VAL A 261 -14.33 -0.90 6.85
CA VAL A 261 -14.54 -2.23 6.38
C VAL A 261 -16.05 -2.42 6.23
N CYS A 262 -16.80 -2.33 7.34
CA CYS A 262 -18.19 -2.86 7.43
C CYS A 262 -19.02 -2.13 6.40
N SER A 263 -18.65 -0.87 6.21
CA SER A 263 -19.32 0.10 5.40
C SER A 263 -18.92 0.10 3.94
N LEU A 264 -17.71 -0.38 3.65
CA LEU A 264 -17.18 -0.38 2.27
C LEU A 264 -17.62 -1.72 1.71
N SER A 265 -17.70 -2.66 2.61
CA SER A 265 -18.19 -3.87 2.19
C SER A 265 -19.76 -3.71 1.94
N ASP A 266 -20.29 -2.51 2.27
CA ASP A 266 -21.63 -2.13 1.86
C ASP A 266 -21.48 -1.72 0.46
N VAL A 267 -21.00 -0.51 0.24
CA VAL A 267 -20.91 0.12 -1.08
C VAL A 267 -20.40 -0.78 -2.23
N TYR A 268 -20.15 -2.03 -1.91
CA TYR A 268 -19.70 -2.94 -2.91
C TYR A 268 -20.65 -4.16 -3.05
N GLN A 269 -21.22 -4.70 -1.95
CA GLN A 269 -22.34 -5.64 -2.09
C GLN A 269 -23.58 -4.93 -2.63
N MET A 270 -23.54 -3.58 -2.58
CA MET A 270 -24.50 -2.77 -3.27
C MET A 270 -23.94 -2.46 -4.61
N GLU A 271 -23.08 -3.29 -5.10
CA GLU A 271 -22.51 -2.92 -6.37
C GLU A 271 -22.51 -4.07 -7.33
N LYS A 272 -22.28 -5.25 -6.77
CA LYS A 272 -22.64 -6.51 -7.38
C LYS A 272 -24.16 -6.70 -7.58
N ASP A 273 -24.96 -5.92 -6.80
CA ASP A 273 -26.36 -5.50 -7.10
C ASP A 273 -26.44 -4.66 -8.40
N ILE A 274 -26.24 -3.34 -8.43
CA ILE A 274 -26.43 -2.66 -9.71
C ILE A 274 -25.86 -3.37 -10.97
N ALA A 275 -25.20 -4.51 -10.75
CA ALA A 275 -24.75 -5.42 -11.81
C ALA A 275 -25.80 -6.55 -12.13
N MET A 276 -26.42 -6.39 -13.29
CA MET A 276 -27.39 -7.34 -13.86
C MET A 276 -26.80 -8.73 -14.04
O32 349 B . 10.94 -2.66 -6.59
S30 349 B . 9.98 -2.52 -7.66
O31 349 B . 9.73 -3.38 -8.76
N33 349 B . 10.21 -0.97 -8.28
C34 349 B . 10.82 0.20 -7.55
C35 349 B . 11.27 1.23 -8.67
C36 349 B . 10.28 0.98 -9.84
C37 349 B . 9.97 -0.55 -9.70
C29 349 B . 8.45 -2.41 -6.77
C28 349 B . 7.79 -1.15 -6.73
C27 349 B . 6.62 -1.04 -6.04
C26 349 B . 6.22 -2.20 -5.35
C25 349 B . 6.85 -3.45 -5.36
C24 349 B . 8.03 -3.58 -6.10
C23 349 B . 8.82 -4.87 -6.16
N22 349 B . 8.15 -5.74 -5.16
C21 349 B . 7.35 -6.84 -5.50
N20 349 B . 7.01 -7.03 -6.76
C8 349 B . 6.24 -8.09 -7.04
N7 349 B . 5.85 -9.04 -6.19
C6 349 B . 6.15 -8.88 -4.88
C5 349 B . 6.88 -7.74 -4.57
C2 349 B . 7.23 -7.49 -3.18
F4 349 B . 8.63 -7.43 -3.13
F3 349 B . 6.80 -6.23 -2.70
F1 349 B . 6.51 -8.44 -2.45
N9 349 B . 6.00 -8.22 -8.36
C10 349 B . 6.43 -7.18 -9.24
C11 349 B . 6.84 -5.99 -8.76
C12 349 B . 7.19 -5.03 -9.69
C13 349 B . 7.22 -5.16 -11.05
N14 349 B . 7.59 -4.26 -12.07
C18 349 B . 6.78 -6.37 -11.55
C19 349 B . 6.41 -7.37 -10.66
C17 349 B . 6.84 -6.33 -13.08
C15 349 B . 7.38 -4.91 -13.31
O16 349 B . 7.55 -4.48 -14.44
P PO4 C . -10.63 -11.71 1.97
O1 PO4 C . -10.19 -12.66 0.86
O2 PO4 C . -10.80 -10.32 1.35
O3 PO4 C . -11.93 -12.07 2.62
O4 PO4 C . -9.79 -11.85 3.25
#